data_8WIM
#
_entry.id   8WIM
#
_cell.length_a   61.522
_cell.length_b   89.251
_cell.length_c   122.405
_cell.angle_alpha   90.00
_cell.angle_beta   90.00
_cell.angle_gamma   90.00
#
_symmetry.space_group_name_H-M   'P 21 21 21'
#
loop_
_entity.id
_entity.type
_entity.pdbx_description
1 polymer 'Jingmen tick virus NSP1'
2 non-polymer 'MAGNESIUM ION'
3 non-polymer GLYCEROL
4 non-polymer DI(HYDROXYETHYL)ETHER
5 water water
#
_entity_poly.entity_id   1
_entity_poly.type   'polypeptide(L)'
_entity_poly.pdbx_seq_one_letter_code
;MEWTAEAVIEGCAPLTPLNMTRSIAEMHMEYPPLGITRFFKELGYKIAKKKGSEGTRKNRFVGQLIEPLRRVLERHHLFG
AWQLTSTTPRAVFNMFRSKVDRAPVELHSHYPGLKKMYDILADLWLERYGSMKRLTEEEMASAINRRGAMGYQMDNRNYG
DLGAYWDSGDWRQDVNTFKRALLSGTPTHAVYNTTAKKEKTKNLTRQVNKGSRIIQYLPADARLYELKVLGGLHKYLEKC
GWSVAGQGLYKYGDRVKKSMDATGAAISEDVAGWDTKISKGLLTLESHMFTKLAEDEEMAREIHHLYRLYADPHMVVQRE
IEGEVHDVLLRGRGQVSSGRQPTYAANTITNFITTTYGMAVTLGIPEADWPRLIRDLTDERGNRRLLVSGDDKVLFLRGD
EARVYASSAYRISNDMGLVRKDMALEQESEIIVDVKEISFCSHRYWPVKYGNEIHYMPVRDVGEIFAKATMALGVYKDDM
TQEAWARVQGLNMLVNYHHIPECRMLALAILSVTRIGLNLKGITKGWMMSTEWLRDDLAPDTIHALITEGRTSGWDQLGY
VDFKDRKGILLRPDTNYKNWRRDLPEKVRQLREDGQYKDWLQKMAVFGGSSSGTHHHHHH
;
_entity_poly.pdbx_strand_id   A
#
# COMPACT_ATOMS: atom_id res chain seq x y z
N MET A 1 16.66 1.90 25.46
CA MET A 1 16.86 0.53 25.90
C MET A 1 17.78 -0.22 24.95
N GLU A 2 18.67 -1.04 25.49
CA GLU A 2 19.59 -1.80 24.65
C GLU A 2 18.81 -2.74 23.74
N TRP A 3 19.37 -2.96 22.54
CA TRP A 3 18.74 -3.88 21.60
C TRP A 3 18.88 -5.30 22.12
N THR A 4 17.89 -6.14 21.80
CA THR A 4 18.09 -7.55 22.11
C THR A 4 19.12 -8.14 21.15
N ALA A 5 19.56 -9.35 21.46
CA ALA A 5 20.33 -10.12 20.48
C ALA A 5 19.52 -10.29 19.21
N GLU A 6 20.23 -10.55 18.09
CA GLU A 6 19.52 -10.86 16.85
C GLU A 6 19.22 -12.35 16.79
N ALA A 7 18.22 -12.69 15.99
CA ALA A 7 18.03 -14.08 15.60
C ALA A 7 19.11 -14.53 14.62
N VAL A 8 19.59 -15.75 14.83
CA VAL A 8 20.45 -16.43 13.87
C VAL A 8 19.60 -17.49 13.20
N ILE A 9 19.40 -17.36 11.89
CA ILE A 9 18.47 -18.23 11.17
C ILE A 9 19.28 -19.18 10.32
N GLU A 10 19.12 -20.47 10.59
CA GLU A 10 19.91 -21.48 9.87
C GLU A 10 19.57 -21.46 8.39
N GLY A 11 20.60 -21.56 7.56
CA GLY A 11 20.42 -21.67 6.13
C GLY A 11 20.18 -20.36 5.40
N CYS A 12 20.22 -19.23 6.10
CA CYS A 12 20.02 -17.91 5.51
C CYS A 12 21.28 -17.06 5.65
N ALA A 13 21.63 -16.34 4.59
CA ALA A 13 22.73 -15.38 4.66
C ALA A 13 22.39 -14.26 5.62
N PRO A 14 23.22 -13.97 6.63
CA PRO A 14 22.91 -12.87 7.55
C PRO A 14 22.92 -11.52 6.85
N LEU A 15 22.10 -10.61 7.34
CA LEU A 15 22.02 -9.25 6.79
C LEU A 15 22.97 -8.33 7.56
N THR A 16 24.26 -8.48 7.27
CA THR A 16 25.28 -7.70 7.94
C THR A 16 25.13 -6.22 7.59
N PRO A 17 25.19 -5.31 8.57
CA PRO A 17 25.14 -3.88 8.25
C PRO A 17 26.22 -3.49 7.25
N LEU A 18 25.90 -2.52 6.40
CA LEU A 18 26.89 -1.96 5.49
C LEU A 18 27.79 -0.97 6.21
N ASN A 19 28.82 -0.51 5.51
CA ASN A 19 29.63 0.61 6.01
C ASN A 19 28.87 1.87 5.63
N MET A 20 28.24 2.50 6.62
CA MET A 20 27.36 3.63 6.37
C MET A 20 28.06 4.99 6.55
N THR A 21 29.39 4.99 6.73
CA THR A 21 30.09 6.24 6.99
C THR A 21 29.91 7.26 5.86
N ARG A 22 29.93 6.82 4.61
CA ARG A 22 29.77 7.75 3.50
C ARG A 22 28.35 8.33 3.45
N SER A 23 27.34 7.46 3.60
CA SER A 23 25.97 7.96 3.51
C SER A 23 25.57 8.80 4.73
N ILE A 24 26.14 8.50 5.90
CA ILE A 24 25.90 9.32 7.08
C ILE A 24 26.48 10.73 6.87
N ALA A 25 27.68 10.80 6.30
CA ALA A 25 28.33 12.10 6.11
C ALA A 25 27.58 12.97 5.12
N GLU A 26 26.87 12.36 4.17
CA GLU A 26 26.05 13.09 3.22
C GLU A 26 24.92 13.86 3.88
N MET A 27 24.58 13.55 5.13
CA MET A 27 23.47 14.27 5.77
C MET A 27 23.93 15.52 6.51
N HIS A 28 25.24 15.70 6.67
CA HIS A 28 25.82 16.95 7.21
C HIS A 28 25.30 17.24 8.61
N MET A 29 25.40 16.25 9.48
CA MET A 29 25.00 16.46 10.86
C MET A 29 25.97 17.42 11.54
N GLU A 30 25.46 18.19 12.49
CA GLU A 30 26.25 19.23 13.14
C GLU A 30 26.55 18.96 14.61
N TYR A 31 25.61 18.37 15.35
CA TYR A 31 25.72 18.22 16.78
C TYR A 31 25.68 16.78 17.25
N PRO A 32 26.28 16.50 18.40
CA PRO A 32 26.25 15.14 18.95
C PRO A 32 24.85 14.80 19.41
N PRO A 33 24.53 13.50 19.47
CA PRO A 33 23.13 13.11 19.70
C PRO A 33 22.64 13.47 21.10
N LEU A 34 21.33 13.73 21.18
CA LEU A 34 20.66 13.95 22.46
C LEU A 34 20.22 12.67 23.13
N GLY A 35 19.89 11.64 22.34
CA GLY A 35 19.39 10.39 22.88
C GLY A 35 18.10 10.49 23.70
N ILE A 36 16.96 10.70 23.04
CA ILE A 36 15.67 10.66 23.71
C ILE A 36 14.74 9.62 23.10
N THR A 37 15.28 8.70 22.30
CA THR A 37 14.51 7.57 21.80
C THR A 37 14.86 6.32 22.59
N ARG A 38 13.92 5.37 22.63
CA ARG A 38 14.09 4.13 23.39
C ARG A 38 14.62 2.97 22.56
N PHE A 39 14.37 2.96 21.25
CA PHE A 39 14.82 1.90 20.35
C PHE A 39 15.80 2.41 19.32
N PHE A 40 15.41 3.46 18.58
CA PHE A 40 16.31 4.06 17.61
C PHE A 40 17.51 4.69 18.33
N LYS A 41 18.67 4.54 17.74
CA LYS A 41 19.91 5.09 18.28
C LYS A 41 20.19 6.40 17.55
N GLU A 42 20.19 7.51 18.28
CA GLU A 42 20.46 8.80 17.67
C GLU A 42 21.96 8.95 17.41
N LEU A 43 22.31 9.30 16.17
CA LEU A 43 23.71 9.48 15.78
C LEU A 43 24.16 10.93 15.80
N GLY A 44 23.25 11.87 15.68
CA GLY A 44 23.58 13.28 15.60
C GLY A 44 22.37 14.03 15.13
N TYR A 45 22.51 15.36 15.08
CA TYR A 45 21.44 16.17 14.55
C TYR A 45 22.02 17.45 13.96
N LYS A 46 21.16 18.18 13.26
CA LYS A 46 21.52 19.47 12.68
C LYS A 46 20.30 20.37 12.76
N ILE A 47 20.55 21.68 12.73
CA ILE A 47 19.45 22.63 12.67
C ILE A 47 18.82 22.57 11.30
N ALA A 48 17.50 22.65 11.25
CA ALA A 48 16.84 22.49 9.98
C ALA A 48 16.02 23.71 9.57
N LYS A 49 14.97 23.45 8.81
CA LYS A 49 13.87 24.36 8.53
C LYS A 49 12.60 23.54 8.58
N LYS A 50 11.56 24.05 9.25
CA LYS A 50 10.34 23.29 9.45
C LYS A 50 9.79 22.80 8.12
N LYS A 51 9.53 21.50 8.04
CA LYS A 51 9.06 20.87 6.81
C LYS A 51 7.56 20.70 6.85
N GLY A 52 6.94 20.72 5.66
CA GLY A 52 5.53 20.42 5.51
C GLY A 52 5.21 18.95 5.47
N THR A 56 -1.86 18.65 1.88
CA THR A 56 -2.72 19.58 2.60
C THR A 56 -3.58 20.42 1.66
N ARG A 57 -3.25 20.42 0.37
CA ARG A 57 -3.94 21.24 -0.62
C ARG A 57 -5.01 20.42 -1.34
N LYS A 58 -6.22 20.96 -1.39
CA LYS A 58 -7.34 20.31 -2.04
C LYS A 58 -7.30 20.59 -3.54
N ASN A 59 -7.59 19.58 -4.34
CA ASN A 59 -7.76 19.79 -5.76
C ASN A 59 -8.91 20.76 -6.02
N ARG A 60 -8.64 21.80 -6.81
CA ARG A 60 -9.62 22.86 -7.00
C ARG A 60 -10.90 22.35 -7.65
N PHE A 61 -10.75 21.42 -8.59
CA PHE A 61 -11.90 20.97 -9.37
C PHE A 61 -12.80 20.07 -8.53
N VAL A 62 -12.22 19.02 -7.92
CA VAL A 62 -13.02 18.13 -7.10
C VAL A 62 -13.52 18.88 -5.86
N GLY A 63 -12.64 19.69 -5.25
CA GLY A 63 -13.00 20.34 -4.00
C GLY A 63 -14.19 21.25 -4.13
N GLN A 64 -14.22 22.06 -5.20
CA GLN A 64 -15.34 22.97 -5.40
C GLN A 64 -16.62 22.22 -5.75
N LEU A 65 -16.52 21.06 -6.39
CA LEU A 65 -17.74 20.33 -6.73
C LEU A 65 -18.41 19.74 -5.50
N ILE A 66 -17.64 19.33 -4.49
CA ILE A 66 -18.19 18.75 -3.27
C ILE A 66 -18.36 19.77 -2.16
N GLU A 67 -17.92 21.00 -2.39
CA GLU A 67 -18.01 22.05 -1.36
C GLU A 67 -19.40 22.13 -0.71
N PRO A 68 -20.53 22.09 -1.44
CA PRO A 68 -21.82 22.17 -0.75
C PRO A 68 -22.09 21.02 0.22
N LEU A 69 -21.39 19.90 0.10
CA LEU A 69 -21.58 18.74 0.95
C LEU A 69 -20.59 18.72 2.11
N ARG A 70 -19.69 19.70 2.19
CA ARG A 70 -18.57 19.62 3.13
C ARG A 70 -19.08 19.40 4.55
N ARG A 71 -20.15 20.11 4.92
CA ARG A 71 -20.63 20.07 6.31
C ARG A 71 -21.14 18.69 6.67
N VAL A 72 -22.06 18.12 5.86
CA VAL A 72 -22.60 16.80 6.20
C VAL A 72 -21.52 15.73 6.12
N LEU A 73 -20.53 15.93 5.23
CA LEU A 73 -19.44 14.96 5.11
C LEU A 73 -18.52 15.01 6.31
N GLU A 74 -18.36 16.19 6.92
CA GLU A 74 -17.55 16.35 8.12
C GLU A 74 -18.30 15.93 9.38
N ARG A 75 -19.62 16.05 9.37
CA ARG A 75 -20.46 15.78 10.54
C ARG A 75 -20.93 14.34 10.62
N HIS A 76 -21.34 13.75 9.50
CA HIS A 76 -21.88 12.40 9.50
C HIS A 76 -20.95 11.37 8.86
N HIS A 77 -19.78 11.77 8.38
CA HIS A 77 -18.89 10.89 7.64
C HIS A 77 -17.45 11.19 8.04
N LEU A 78 -16.51 10.60 7.31
CA LEU A 78 -15.11 10.64 7.72
C LEU A 78 -14.23 11.46 6.77
N PHE A 79 -14.71 12.63 6.34
CA PHE A 79 -13.90 13.44 5.43
C PHE A 79 -12.66 13.99 6.14
N GLY A 80 -12.85 14.62 7.29
CA GLY A 80 -11.73 14.87 8.19
C GLY A 80 -10.99 16.17 8.01
N ALA A 81 -11.54 17.15 7.31
CA ALA A 81 -10.83 18.42 7.13
C ALA A 81 -11.75 19.63 6.96
N LEU A 84 -6.95 21.80 6.69
CA LEU A 84 -5.83 20.91 7.05
C LEU A 84 -4.50 21.65 7.17
N THR A 85 -3.88 21.55 8.33
CA THR A 85 -2.64 22.24 8.65
C THR A 85 -1.48 21.27 8.55
N SER A 86 -0.28 21.79 8.27
CA SER A 86 0.90 20.94 8.25
C SER A 86 1.26 20.51 9.67
N THR A 87 1.75 19.29 9.79
CA THR A 87 2.10 18.74 11.09
C THR A 87 3.38 19.40 11.61
N THR A 88 3.37 19.83 12.87
CA THR A 88 4.52 20.53 13.42
C THR A 88 5.66 19.54 13.65
N PRO A 89 6.91 20.03 13.69
CA PRO A 89 8.03 19.14 14.07
C PRO A 89 7.81 18.46 15.43
N ARG A 90 7.30 19.21 16.41
CA ARG A 90 6.93 18.60 17.68
CA ARG A 90 6.93 18.60 17.69
C ARG A 90 5.98 17.43 17.50
N ALA A 91 4.93 17.62 16.71
CA ALA A 91 3.98 16.52 16.51
C ALA A 91 4.62 15.37 15.74
N VAL A 92 5.52 15.68 14.79
CA VAL A 92 6.17 14.61 14.02
C VAL A 92 7.03 13.73 14.92
N PHE A 93 7.84 14.33 15.78
CA PHE A 93 8.69 13.52 16.64
C PHE A 93 7.84 12.75 17.66
N ASN A 94 6.74 13.35 18.12
CA ASN A 94 5.89 12.66 19.09
C ASN A 94 5.26 11.41 18.46
N MET A 95 4.89 11.50 17.18
CA MET A 95 4.29 10.34 16.51
C MET A 95 5.35 9.29 16.19
N PHE A 96 6.56 9.73 15.81
CA PHE A 96 7.67 8.81 15.64
C PHE A 96 7.93 8.03 16.93
N ARG A 97 8.06 8.74 18.05
N ARG A 97 8.03 8.75 18.06
CA ARG A 97 8.32 8.05 19.29
CA ARG A 97 8.31 8.12 19.35
C ARG A 97 7.16 7.14 19.69
C ARG A 97 7.18 7.18 19.73
N SER A 98 5.93 7.58 19.47
CA SER A 98 4.79 6.78 19.87
C SER A 98 4.69 5.49 19.07
N LYS A 99 4.87 5.56 17.76
CA LYS A 99 4.51 4.45 16.86
C LYS A 99 5.70 3.76 16.22
N VAL A 100 6.76 4.49 15.86
CA VAL A 100 7.89 3.87 15.18
C VAL A 100 8.99 3.43 16.13
N ASP A 101 9.22 4.20 17.20
CA ASP A 101 10.32 3.95 18.13
C ASP A 101 10.02 2.80 19.08
N ARG A 102 9.74 1.64 18.48
CA ARG A 102 9.29 0.45 19.19
C ARG A 102 10.03 -0.76 18.63
N ALA A 103 10.75 -1.47 19.48
CA ALA A 103 11.62 -2.56 19.03
C ALA A 103 10.82 -3.71 18.46
N PRO A 104 11.10 -4.19 17.24
CA PRO A 104 10.50 -5.43 16.77
C PRO A 104 10.92 -6.63 17.62
N VAL A 105 10.09 -7.68 17.61
CA VAL A 105 10.38 -8.90 18.36
C VAL A 105 11.25 -9.76 17.44
N GLU A 106 12.55 -9.83 17.75
CA GLU A 106 13.47 -10.59 16.91
C GLU A 106 13.52 -12.05 17.31
N LEU A 107 13.35 -12.36 18.59
CA LEU A 107 13.66 -13.69 19.11
C LEU A 107 12.34 -14.46 19.32
N HIS A 108 12.15 -15.52 18.54
CA HIS A 108 11.03 -16.44 18.71
C HIS A 108 11.39 -17.75 18.02
N SER A 109 10.51 -18.74 18.14
CA SER A 109 10.79 -20.11 17.72
CA SER A 109 10.83 -20.09 17.70
C SER A 109 10.25 -20.44 16.33
N HIS A 110 9.77 -19.46 15.57
CA HIS A 110 9.07 -19.77 14.34
C HIS A 110 9.87 -19.60 13.05
N TYR A 111 11.12 -19.12 13.08
CA TYR A 111 11.86 -18.97 11.82
C TYR A 111 12.04 -20.26 11.04
N PRO A 112 12.36 -21.42 11.63
CA PRO A 112 12.59 -22.60 10.79
C PRO A 112 11.36 -22.97 9.95
N GLY A 113 10.16 -22.89 10.54
CA GLY A 113 8.97 -23.22 9.76
C GLY A 113 8.59 -22.12 8.77
N LEU A 114 8.78 -20.86 9.15
CA LEU A 114 8.60 -19.79 8.18
C LEU A 114 9.53 -19.98 6.99
N LYS A 115 10.81 -20.28 7.26
CA LYS A 115 11.76 -20.51 6.17
C LYS A 115 11.28 -21.60 5.24
N LYS A 116 10.79 -22.71 5.81
CA LYS A 116 10.27 -23.80 4.99
C LYS A 116 9.21 -23.30 4.02
N MET A 117 8.29 -22.44 4.50
CA MET A 117 7.25 -21.96 3.59
C MET A 117 7.77 -20.94 2.58
N TYR A 118 8.65 -20.01 2.99
CA TYR A 118 9.29 -19.15 1.99
C TYR A 118 9.95 -19.99 0.90
N ASP A 119 10.66 -21.05 1.30
CA ASP A 119 11.34 -21.91 0.34
C ASP A 119 10.34 -22.62 -0.58
N ILE A 120 9.26 -23.15 -0.01
CA ILE A 120 8.21 -23.77 -0.83
C ILE A 120 7.69 -22.78 -1.87
N LEU A 121 7.40 -21.55 -1.44
CA LEU A 121 6.80 -20.61 -2.38
C LEU A 121 7.79 -20.25 -3.48
N ALA A 122 9.04 -19.98 -3.09
CA ALA A 122 10.07 -19.67 -4.09
C ALA A 122 10.21 -20.82 -5.09
N ASP A 123 10.22 -22.07 -4.60
CA ASP A 123 10.36 -23.21 -5.51
C ASP A 123 9.17 -23.33 -6.46
N LEU A 124 7.95 -23.09 -5.96
CA LEU A 124 6.79 -23.13 -6.82
C LEU A 124 6.86 -22.05 -7.91
N TRP A 125 7.30 -20.84 -7.54
CA TRP A 125 7.34 -19.77 -8.52
C TRP A 125 8.39 -20.07 -9.59
N LEU A 126 9.55 -20.58 -9.16
CA LEU A 126 10.62 -20.89 -10.10
C LEU A 126 10.20 -22.04 -11.03
N GLU A 127 9.53 -23.06 -10.48
CA GLU A 127 9.06 -24.18 -11.31
C GLU A 127 8.08 -23.71 -12.36
N ARG A 128 7.12 -22.87 -11.96
CA ARG A 128 6.07 -22.49 -12.90
C ARG A 128 6.48 -21.34 -13.79
N TYR A 129 7.18 -20.34 -13.26
CA TYR A 129 7.33 -19.07 -13.95
C TYR A 129 8.77 -18.66 -14.23
N GLY A 130 9.75 -19.39 -13.75
CA GLY A 130 11.12 -19.01 -14.00
C GLY A 130 11.61 -17.95 -13.04
N SER A 131 12.84 -17.52 -13.29
CA SER A 131 13.50 -16.57 -12.42
C SER A 131 13.09 -15.14 -12.77
N MET A 132 13.54 -14.21 -11.94
CA MET A 132 13.10 -12.82 -11.99
C MET A 132 14.17 -11.94 -12.62
N LYS A 133 13.83 -11.26 -13.70
CA LYS A 133 14.74 -10.33 -14.34
C LYS A 133 14.56 -8.94 -13.73
N ARG A 134 15.61 -8.13 -13.85
CA ARG A 134 15.49 -6.72 -13.53
C ARG A 134 14.46 -6.07 -14.46
N LEU A 135 13.82 -5.01 -13.97
CA LEU A 135 12.85 -4.30 -14.79
C LEU A 135 13.54 -3.60 -15.95
N THR A 136 12.85 -3.53 -17.08
CA THR A 136 13.33 -2.72 -18.20
C THR A 136 12.98 -1.25 -17.97
N GLU A 137 13.61 -0.36 -18.76
CA GLU A 137 13.30 1.05 -18.65
C GLU A 137 11.82 1.32 -18.91
N GLU A 138 11.24 0.64 -19.91
CA GLU A 138 9.83 0.86 -20.19
C GLU A 138 8.97 0.40 -19.02
N GLU A 139 9.37 -0.69 -18.37
CA GLU A 139 8.64 -1.16 -17.19
C GLU A 139 8.77 -0.17 -16.05
N MET A 140 9.97 0.37 -15.84
CA MET A 140 10.16 1.36 -14.78
C MET A 140 9.33 2.61 -15.06
N ALA A 141 9.29 3.05 -16.31
CA ALA A 141 8.52 4.25 -16.66
C ALA A 141 7.05 4.07 -16.31
N SER A 142 6.55 2.84 -16.39
CA SER A 142 5.15 2.57 -16.08
C SER A 142 4.86 2.63 -14.59
N ALA A 143 5.88 2.41 -13.75
CA ALA A 143 5.67 2.23 -12.33
C ALA A 143 6.08 3.42 -11.47
N ILE A 144 6.76 4.42 -12.02
CA ILE A 144 7.26 5.51 -11.21
C ILE A 144 6.12 6.46 -10.86
N ASN A 145 6.21 7.04 -9.66
CA ASN A 145 5.36 8.16 -9.25
C ASN A 145 6.11 9.43 -9.65
N ARG A 146 5.64 10.07 -10.72
CA ARG A 146 6.34 11.25 -11.23
C ARG A 146 6.34 12.41 -10.25
N ARG A 147 5.41 12.45 -9.31
CA ARG A 147 5.39 13.55 -8.34
C ARG A 147 6.24 13.25 -7.09
N GLY A 148 6.98 12.15 -7.05
CA GLY A 148 7.75 11.82 -5.86
C GLY A 148 8.90 12.78 -5.63
N ALA A 149 9.26 12.95 -4.35
CA ALA A 149 10.32 13.87 -3.96
C ALA A 149 11.72 13.32 -4.30
N MET A 150 12.69 14.22 -4.37
CA MET A 150 14.05 13.85 -4.77
C MET A 150 14.91 13.38 -3.60
N GLY A 151 14.66 13.90 -2.39
CA GLY A 151 15.49 13.54 -1.25
C GLY A 151 16.59 14.56 -1.00
N TYR A 152 16.94 14.77 0.27
CA TYR A 152 17.92 15.80 0.61
C TYR A 152 19.23 15.62 -0.17
N GLN A 153 19.68 14.38 -0.34
CA GLN A 153 20.96 14.15 -1.00
C GLN A 153 20.95 14.50 -2.48
N MET A 154 19.77 14.76 -3.05
CA MET A 154 19.62 15.12 -4.46
C MET A 154 19.00 16.50 -4.66
N ASP A 155 18.70 17.24 -3.59
CA ASP A 155 17.96 18.49 -3.73
C ASP A 155 18.75 19.54 -4.48
N ASN A 156 20.07 19.52 -4.35
CA ASN A 156 20.93 20.51 -4.98
C ASN A 156 21.09 20.31 -6.48
N ARG A 157 20.45 19.28 -7.06
CA ARG A 157 20.46 19.12 -8.51
C ARG A 157 19.27 19.81 -9.17
N ASN A 158 18.31 20.29 -8.38
CA ASN A 158 17.17 21.09 -8.84
C ASN A 158 16.39 20.40 -9.97
N TYR A 159 15.85 19.23 -9.65
CA TYR A 159 14.97 18.55 -10.58
C TYR A 159 13.50 18.81 -10.29
N GLY A 160 13.16 19.21 -9.08
CA GLY A 160 11.77 19.43 -8.75
C GLY A 160 11.08 18.16 -8.30
N ASP A 161 10.93 17.18 -9.19
CA ASP A 161 10.29 15.92 -8.83
C ASP A 161 10.89 14.77 -9.61
N LEU A 162 10.51 13.55 -9.21
CA LEU A 162 11.00 12.35 -9.90
C LEU A 162 10.72 12.41 -11.40
N GLY A 163 9.51 12.85 -11.78
CA GLY A 163 9.16 12.95 -13.19
C GLY A 163 10.18 13.71 -14.01
N ALA A 164 10.56 14.92 -13.56
CA ALA A 164 11.55 15.70 -14.28
C ALA A 164 12.91 15.01 -14.25
N TYR A 165 13.27 14.40 -13.12
CA TYR A 165 14.52 13.65 -13.05
C TYR A 165 14.52 12.49 -14.04
N TRP A 166 13.41 11.75 -14.11
CA TRP A 166 13.30 10.62 -15.03
C TRP A 166 13.43 11.09 -16.48
N ASP A 167 12.70 12.14 -16.84
CA ASP A 167 12.68 12.61 -18.22
C ASP A 167 14.08 13.03 -18.67
N SER A 168 14.85 13.61 -17.74
CA SER A 168 16.17 14.14 -18.07
C SER A 168 17.15 13.06 -18.52
N GLY A 169 16.94 11.81 -18.10
CA GLY A 169 17.83 10.73 -18.43
C GLY A 169 19.09 10.64 -17.61
N ASP A 170 19.33 11.61 -16.71
CA ASP A 170 20.52 11.57 -15.85
C ASP A 170 20.51 10.41 -14.88
N TRP A 171 19.34 9.84 -14.57
CA TRP A 171 19.27 8.73 -13.62
C TRP A 171 20.02 7.50 -14.11
N ARG A 172 20.21 7.35 -15.43
CA ARG A 172 20.86 6.15 -15.95
C ARG A 172 22.26 6.00 -15.38
N GLN A 173 23.07 7.05 -15.45
CA GLN A 173 24.37 6.99 -14.81
C GLN A 173 24.23 6.92 -13.29
N ASP A 174 23.23 7.60 -12.71
CA ASP A 174 23.15 7.68 -11.25
C ASP A 174 22.81 6.33 -10.64
N VAL A 175 21.91 5.56 -11.27
CA VAL A 175 21.56 4.26 -10.69
C VAL A 175 22.76 3.31 -10.77
N ASN A 176 23.60 3.44 -11.80
CA ASN A 176 24.75 2.55 -11.84
C ASN A 176 25.81 2.99 -10.84
N THR A 177 25.96 4.30 -10.63
CA THR A 177 26.79 4.77 -9.53
C THR A 177 26.27 4.25 -8.19
N PHE A 178 24.96 4.26 -8.01
CA PHE A 178 24.40 3.74 -6.77
C PHE A 178 24.71 2.25 -6.63
N LYS A 179 24.48 1.48 -7.68
CA LYS A 179 24.78 0.04 -7.69
C LYS A 179 26.24 -0.23 -7.29
N ARG A 180 27.18 0.47 -7.92
CA ARG A 180 28.57 0.14 -7.66
C ARG A 180 28.93 0.42 -6.20
N ALA A 181 28.50 1.56 -5.67
CA ALA A 181 28.83 1.90 -4.29
C ALA A 181 28.20 0.90 -3.34
N LEU A 182 26.93 0.55 -3.58
CA LEU A 182 26.24 -0.43 -2.74
C LEU A 182 27.01 -1.75 -2.72
N LEU A 183 27.32 -2.30 -3.91
CA LEU A 183 28.02 -3.58 -3.98
C LEU A 183 29.41 -3.52 -3.37
N SER A 184 29.99 -2.32 -3.26
CA SER A 184 31.30 -2.19 -2.62
C SER A 184 31.20 -2.38 -1.12
N GLY A 185 30.00 -2.26 -0.54
CA GLY A 185 29.84 -2.33 0.90
C GLY A 185 29.74 -0.98 1.58
N THR A 186 29.97 0.11 0.85
CA THR A 186 29.93 1.47 1.39
C THR A 186 29.03 2.28 0.47
N PRO A 187 27.71 2.24 0.68
CA PRO A 187 26.78 2.86 -0.27
C PRO A 187 26.81 4.38 -0.20
N THR A 188 26.34 4.98 -1.30
CA THR A 188 25.97 6.38 -1.32
C THR A 188 24.46 6.49 -1.32
N HIS A 189 23.94 7.59 -0.77
CA HIS A 189 22.52 7.91 -0.84
C HIS A 189 21.66 6.82 -0.20
N ALA A 190 22.15 6.26 0.90
CA ALA A 190 21.46 5.16 1.58
C ALA A 190 20.69 5.59 2.83
N VAL A 191 20.69 6.88 3.18
CA VAL A 191 19.96 7.34 4.37
C VAL A 191 18.57 7.77 3.96
N TYR A 192 17.57 7.30 4.73
CA TYR A 192 16.18 7.62 4.47
C TYR A 192 15.85 9.06 4.83
N ASN A 193 15.09 9.70 3.96
CA ASN A 193 14.43 10.97 4.23
C ASN A 193 13.05 10.67 4.80
N THR A 194 12.43 11.64 5.47
CA THR A 194 11.07 11.40 5.98
C THR A 194 10.19 12.62 5.78
N THR A 195 8.89 12.36 5.67
CA THR A 195 7.90 13.42 5.61
C THR A 195 6.65 12.89 6.30
N ALA A 196 5.86 13.80 6.85
CA ALA A 196 4.63 13.42 7.53
C ALA A 196 3.43 13.66 6.62
N LYS A 197 2.44 12.77 6.73
CA LYS A 197 1.18 12.92 6.00
C LYS A 197 0.02 12.56 6.93
N ARG A 213 1.06 9.99 9.97
CA ARG A 213 1.97 8.92 9.57
C ARG A 213 3.27 9.47 8.97
N ILE A 214 4.39 8.85 9.30
CA ILE A 214 5.69 9.23 8.78
C ILE A 214 6.04 8.36 7.58
N ILE A 215 6.31 8.99 6.44
CA ILE A 215 6.73 8.30 5.22
C ILE A 215 8.25 8.36 5.16
N GLN A 216 8.87 7.22 4.91
CA GLN A 216 10.31 7.11 4.81
C GLN A 216 10.66 6.80 3.37
N TYR A 217 11.65 7.50 2.82
CA TYR A 217 12.03 7.24 1.43
C TYR A 217 13.50 7.56 1.20
N LEU A 218 14.14 6.74 0.36
CA LEU A 218 15.49 6.99 -0.09
C LEU A 218 15.49 8.08 -1.16
N PRO A 219 16.66 8.65 -1.48
CA PRO A 219 16.76 9.60 -2.60
C PRO A 219 16.34 8.97 -3.92
N ALA A 220 16.05 9.84 -4.90
CA ALA A 220 15.37 9.39 -6.11
C ALA A 220 16.20 8.35 -6.87
N ASP A 221 17.54 8.47 -6.86
CA ASP A 221 18.33 7.51 -7.62
C ASP A 221 18.25 6.14 -6.99
N ALA A 222 18.40 6.09 -5.66
CA ALA A 222 18.23 4.84 -4.92
C ALA A 222 16.86 4.21 -5.18
N ARG A 223 15.79 5.03 -5.23
CA ARG A 223 14.46 4.48 -5.43
C ARG A 223 14.30 3.88 -6.83
N LEU A 224 14.89 4.52 -7.84
CA LEU A 224 14.82 3.95 -9.18
C LEU A 224 15.59 2.63 -9.23
N TYR A 225 16.72 2.57 -8.52
CA TYR A 225 17.50 1.33 -8.48
C TYR A 225 16.71 0.20 -7.83
N GLU A 226 16.18 0.42 -6.63
CA GLU A 226 15.47 -0.67 -5.96
C GLU A 226 14.22 -1.10 -6.74
N LEU A 227 13.60 -0.16 -7.46
CA LEU A 227 12.50 -0.54 -8.35
C LEU A 227 13.00 -1.44 -9.47
N LYS A 228 14.14 -1.09 -10.06
CA LYS A 228 14.69 -1.90 -11.14
C LYS A 228 15.01 -3.32 -10.69
N VAL A 229 15.59 -3.47 -9.49
CA VAL A 229 16.07 -4.78 -9.04
C VAL A 229 14.93 -5.63 -8.49
N LEU A 230 14.03 -5.03 -7.71
CA LEU A 230 13.00 -5.80 -7.02
C LEU A 230 11.60 -5.61 -7.59
N GLY A 231 11.44 -4.75 -8.61
CA GLY A 231 10.13 -4.47 -9.17
C GLY A 231 9.43 -5.66 -9.80
N GLY A 232 10.17 -6.71 -10.15
CA GLY A 232 9.57 -7.89 -10.75
C GLY A 232 8.74 -8.74 -9.82
N LEU A 233 8.79 -8.50 -8.51
CA LEU A 233 8.06 -9.34 -7.57
C LEU A 233 6.56 -9.30 -7.89
N HIS A 234 6.06 -8.14 -8.33
N HIS A 234 6.07 -8.14 -8.32
CA HIS A 234 4.64 -8.03 -8.67
CA HIS A 234 4.65 -7.99 -8.69
C HIS A 234 4.22 -9.00 -9.77
C HIS A 234 4.24 -9.01 -9.74
N LYS A 235 5.15 -9.39 -10.64
CA LYS A 235 4.81 -10.29 -11.73
C LYS A 235 4.46 -11.68 -11.21
N TYR A 236 5.14 -12.13 -10.16
CA TYR A 236 4.77 -13.40 -9.54
C TYR A 236 3.42 -13.28 -8.84
N LEU A 237 3.22 -12.18 -8.11
CA LEU A 237 1.95 -12.00 -7.39
C LEU A 237 0.75 -11.98 -8.33
N GLU A 238 0.90 -11.42 -9.52
CA GLU A 238 -0.21 -11.43 -10.47
C GLU A 238 -0.66 -12.86 -10.81
N LYS A 239 0.21 -13.83 -10.62
CA LYS A 239 -0.13 -15.24 -10.88
C LYS A 239 -0.76 -15.93 -9.68
N CYS A 240 -0.81 -15.30 -8.50
CA CYS A 240 -1.25 -15.99 -7.29
C CYS A 240 -2.72 -15.72 -6.96
N GLY A 241 -3.47 -16.80 -6.70
CA GLY A 241 -4.86 -16.66 -6.34
C GLY A 241 -5.11 -15.99 -5.00
N TRP A 242 -4.09 -15.91 -4.13
CA TRP A 242 -4.20 -15.21 -2.86
C TRP A 242 -3.79 -13.75 -2.95
N SER A 243 -3.44 -13.26 -4.13
CA SER A 243 -3.03 -11.87 -4.30
C SER A 243 -4.00 -11.15 -5.22
N VAL A 244 -4.15 -9.84 -5.02
CA VAL A 244 -4.91 -9.01 -5.94
C VAL A 244 -3.99 -8.09 -6.75
N ALA A 245 -2.69 -8.40 -6.79
CA ALA A 245 -1.73 -7.55 -7.51
C ALA A 245 -2.18 -7.33 -8.96
N GLY A 246 -2.11 -6.07 -9.41
CA GLY A 246 -2.49 -5.73 -10.76
C GLY A 246 -3.98 -5.64 -11.04
N GLN A 247 -4.84 -6.15 -10.14
CA GLN A 247 -6.28 -6.18 -10.36
C GLN A 247 -6.96 -4.93 -9.80
N GLY A 248 -8.01 -4.49 -10.50
CA GLY A 248 -8.74 -3.33 -10.03
C GLY A 248 -9.70 -3.68 -8.89
N LEU A 249 -10.02 -2.66 -8.09
CA LEU A 249 -10.90 -2.84 -6.93
C LEU A 249 -12.23 -3.46 -7.30
N TYR A 250 -12.76 -3.17 -8.51
CA TYR A 250 -14.05 -3.69 -8.93
C TYR A 250 -14.07 -5.20 -9.05
N LYS A 251 -12.91 -5.85 -8.99
CA LYS A 251 -12.85 -7.32 -8.99
C LYS A 251 -12.82 -7.94 -7.60
N TYR A 252 -12.53 -7.15 -6.55
CA TYR A 252 -12.20 -7.75 -5.26
C TYR A 252 -13.41 -8.42 -4.62
N GLY A 253 -14.57 -7.76 -4.69
CA GLY A 253 -15.77 -8.32 -4.06
C GLY A 253 -16.09 -9.72 -4.58
N ASP A 254 -16.02 -9.92 -5.88
CA ASP A 254 -16.32 -11.26 -6.41
C ASP A 254 -15.31 -12.31 -5.92
N ARG A 255 -14.06 -11.89 -5.72
CA ARG A 255 -13.05 -12.79 -5.17
C ARG A 255 -13.34 -13.13 -3.72
N VAL A 256 -13.76 -12.13 -2.91
CA VAL A 256 -14.20 -12.41 -1.55
C VAL A 256 -15.39 -13.38 -1.58
N LYS A 257 -16.38 -13.12 -2.42
CA LYS A 257 -17.55 -13.99 -2.52
C LYS A 257 -17.16 -15.42 -2.92
N LYS A 258 -16.34 -15.54 -3.96
CA LYS A 258 -15.89 -16.85 -4.42
C LYS A 258 -15.15 -17.61 -3.31
N SER A 259 -14.30 -16.92 -2.57
CA SER A 259 -13.53 -17.57 -1.51
C SER A 259 -14.44 -18.02 -0.37
N MET A 260 -15.40 -17.18 -0.02
CA MET A 260 -16.36 -17.52 1.02
C MET A 260 -17.25 -18.69 0.61
N ASP A 261 -17.69 -18.69 -0.66
CA ASP A 261 -18.53 -19.79 -1.14
C ASP A 261 -17.84 -21.14 -1.00
N ALA A 262 -16.51 -21.17 -1.10
CA ALA A 262 -15.73 -22.41 -1.04
C ALA A 262 -15.40 -22.83 0.38
N THR A 263 -15.72 -21.99 1.37
CA THR A 263 -15.25 -22.22 2.73
C THR A 263 -16.39 -22.08 3.72
N GLY A 264 -16.83 -20.85 3.95
CA GLY A 264 -18.00 -20.55 4.75
C GLY A 264 -17.73 -19.71 5.97
N ALA A 265 -16.48 -19.40 6.29
CA ALA A 265 -16.17 -18.59 7.47
C ALA A 265 -14.91 -17.80 7.16
N ALA A 266 -14.83 -16.61 7.71
CA ALA A 266 -13.71 -15.74 7.39
C ALA A 266 -13.19 -15.12 8.66
N ILE A 267 -11.87 -14.89 8.71
CA ILE A 267 -11.24 -14.17 9.80
C ILE A 267 -10.46 -13.02 9.17
N SER A 268 -10.79 -11.79 9.57
CA SER A 268 -10.22 -10.56 8.99
C SER A 268 -9.64 -9.72 10.12
N GLU A 269 -8.35 -9.81 10.34
CA GLU A 269 -7.70 -9.13 11.46
C GLU A 269 -6.57 -8.25 10.93
N ASP A 270 -6.58 -6.99 11.37
CA ASP A 270 -5.49 -6.08 11.04
C ASP A 270 -4.46 -6.12 12.15
N VAL A 271 -3.20 -5.89 11.78
CA VAL A 271 -2.10 -5.74 12.72
C VAL A 271 -1.89 -4.24 12.96
N ALA A 272 -1.68 -3.86 14.21
CA ALA A 272 -1.39 -2.46 14.49
C ALA A 272 0.02 -2.13 13.99
N GLY A 273 0.13 -1.17 13.07
CA GLY A 273 1.45 -0.68 12.67
C GLY A 273 2.36 -1.76 12.11
N TRP A 274 1.82 -2.51 11.14
CA TRP A 274 2.53 -3.67 10.57
C TRP A 274 3.97 -3.34 10.21
N ASP A 275 4.19 -2.23 9.52
CA ASP A 275 5.53 -1.87 9.06
C ASP A 275 6.50 -1.78 10.23
N THR A 276 6.03 -1.30 11.38
CA THR A 276 6.92 -1.12 12.52
C THR A 276 7.25 -2.43 13.23
N LYS A 277 6.50 -3.48 12.95
CA LYS A 277 6.69 -4.72 13.68
C LYS A 277 7.50 -5.75 12.92
N ILE A 278 7.75 -5.53 11.63
CA ILE A 278 8.51 -6.52 10.87
C ILE A 278 9.93 -6.54 11.38
N SER A 279 10.43 -7.74 11.68
CA SER A 279 11.73 -7.91 12.31
C SER A 279 12.84 -8.08 11.28
N LYS A 280 14.08 -7.84 11.71
CA LYS A 280 15.24 -8.18 10.88
C LYS A 280 15.26 -9.67 10.56
N GLY A 281 14.75 -10.51 11.46
CA GLY A 281 14.63 -11.93 11.14
C GLY A 281 13.74 -12.16 9.94
N LEU A 282 12.58 -11.50 9.90
CA LEU A 282 11.70 -11.66 8.75
C LEU A 282 12.32 -11.06 7.49
N LEU A 283 13.01 -9.91 7.62
CA LEU A 283 13.70 -9.36 6.46
C LEU A 283 14.77 -10.32 5.95
N THR A 284 15.45 -11.01 6.88
CA THR A 284 16.45 -12.01 6.48
C THR A 284 15.81 -13.10 5.63
N LEU A 285 14.60 -13.53 5.98
CA LEU A 285 13.90 -14.53 5.19
C LEU A 285 13.44 -13.97 3.85
N GLU A 286 12.95 -12.73 3.82
CA GLU A 286 12.60 -12.09 2.54
C GLU A 286 13.80 -12.11 1.59
N SER A 287 14.93 -11.61 2.07
CA SER A 287 16.14 -11.57 1.23
C SER A 287 16.53 -12.96 0.76
N HIS A 288 16.54 -13.93 1.68
CA HIS A 288 16.77 -15.31 1.31
C HIS A 288 15.89 -15.74 0.14
N MET A 289 14.58 -15.51 0.26
CA MET A 289 13.67 -15.90 -0.81
C MET A 289 13.94 -15.15 -2.11
N PHE A 290 14.12 -13.84 -2.04
CA PHE A 290 14.25 -13.05 -3.27
C PHE A 290 15.56 -13.37 -3.98
N THR A 291 16.64 -13.63 -3.24
CA THR A 291 17.89 -14.01 -3.90
C THR A 291 17.73 -15.32 -4.65
N LYS A 292 16.88 -16.22 -4.14
CA LYS A 292 16.56 -17.46 -4.82
C LYS A 292 15.93 -17.23 -6.18
N LEU A 293 15.13 -16.18 -6.31
CA LEU A 293 14.41 -15.87 -7.53
C LEU A 293 15.26 -15.14 -8.57
N ALA A 294 16.39 -14.56 -8.18
CA ALA A 294 17.12 -13.67 -9.08
C ALA A 294 17.63 -14.40 -10.33
N GLU A 295 17.70 -13.64 -11.44
CA GLU A 295 18.10 -14.14 -12.77
C GLU A 295 19.55 -14.62 -12.81
N ASP A 296 20.44 -13.96 -12.08
CA ASP A 296 21.86 -14.26 -12.16
C ASP A 296 22.47 -13.93 -10.81
N GLU A 297 23.71 -14.40 -10.61
CA GLU A 297 24.37 -14.23 -9.33
C GLU A 297 24.61 -12.76 -8.97
N GLU A 298 24.86 -11.88 -9.95
CA GLU A 298 25.04 -10.48 -9.59
C GLU A 298 23.75 -9.89 -9.05
N MET A 299 22.61 -10.22 -9.69
CA MET A 299 21.31 -9.79 -9.19
C MET A 299 21.06 -10.25 -7.76
N ALA A 300 21.48 -11.48 -7.43
CA ALA A 300 21.27 -11.96 -6.07
C ALA A 300 22.14 -11.18 -5.08
N ARG A 301 23.36 -10.84 -5.50
CA ARG A 301 24.20 -9.98 -4.68
C ARG A 301 23.54 -8.61 -4.46
N GLU A 302 22.95 -8.05 -5.52
CA GLU A 302 22.31 -6.73 -5.42
C GLU A 302 21.15 -6.79 -4.44
N ILE A 303 20.30 -7.81 -4.60
CA ILE A 303 19.17 -7.99 -3.68
C ILE A 303 19.67 -8.13 -2.25
N HIS A 304 20.69 -8.96 -2.03
CA HIS A 304 21.19 -9.15 -0.68
C HIS A 304 21.73 -7.85 -0.11
N HIS A 305 22.45 -7.07 -0.92
CA HIS A 305 22.99 -5.80 -0.42
C HIS A 305 21.88 -4.78 -0.13
N LEU A 306 20.84 -4.74 -0.95
CA LEU A 306 19.72 -3.87 -0.61
C LEU A 306 19.12 -4.26 0.73
N TYR A 307 19.03 -5.56 1.04
CA TYR A 307 18.46 -5.96 2.32
C TYR A 307 19.42 -5.71 3.48
N ARG A 308 20.72 -5.69 3.23
CA ARG A 308 21.64 -5.22 4.26
C ARG A 308 21.36 -3.76 4.58
N LEU A 309 20.93 -3.00 3.57
CA LEU A 309 20.52 -1.61 3.81
C LEU A 309 19.22 -1.57 4.60
N TYR A 310 18.17 -2.24 4.09
CA TYR A 310 16.84 -2.22 4.69
C TYR A 310 16.87 -2.63 6.16
N ALA A 311 17.68 -3.64 6.51
CA ALA A 311 17.64 -4.18 7.86
C ALA A 311 18.38 -3.30 8.87
N ASP A 312 19.12 -2.31 8.38
CA ASP A 312 19.91 -1.38 9.20
C ASP A 312 19.50 0.04 8.84
N PRO A 313 18.22 0.38 8.97
CA PRO A 313 17.75 1.66 8.41
C PRO A 313 18.28 2.85 9.20
N HIS A 314 18.86 3.80 8.48
CA HIS A 314 19.23 5.10 9.00
C HIS A 314 18.25 6.11 8.42
N MET A 315 17.73 7.01 9.25
CA MET A 315 16.72 7.93 8.71
C MET A 315 16.80 9.27 9.44
N VAL A 316 16.36 10.32 8.74
CA VAL A 316 16.36 11.67 9.30
C VAL A 316 14.91 12.06 9.58
N VAL A 317 14.63 12.38 10.83
CA VAL A 317 13.31 12.75 11.33
C VAL A 317 13.39 14.09 12.04
N GLN A 318 12.38 14.94 11.86
CA GLN A 318 12.41 16.26 12.50
C GLN A 318 11.89 16.22 13.93
N ARG A 319 12.30 17.22 14.71
CA ARG A 319 11.80 17.43 16.05
C ARG A 319 11.99 18.92 16.36
N GLU A 320 11.47 19.34 17.50
CA GLU A 320 11.64 20.74 17.89
C GLU A 320 11.79 20.83 19.39
N ILE A 321 12.87 21.47 19.85
CA ILE A 321 13.15 21.62 21.27
C ILE A 321 13.53 23.07 21.53
N GLU A 322 12.84 23.70 22.48
CA GLU A 322 13.08 25.08 22.87
C GLU A 322 12.96 26.03 21.68
N GLY A 323 12.08 25.73 20.73
CA GLY A 323 11.94 26.56 19.55
C GLY A 323 12.90 26.23 18.42
N GLU A 324 13.88 25.37 18.66
CA GLU A 324 14.86 25.00 17.67
C GLU A 324 14.40 23.75 16.94
N VAL A 325 14.33 23.81 15.60
CA VAL A 325 13.94 22.67 14.78
C VAL A 325 15.18 21.89 14.39
N HIS A 326 15.15 20.58 14.61
CA HIS A 326 16.27 19.68 14.34
C HIS A 326 15.90 18.70 13.24
N ASP A 327 16.89 18.38 12.39
CA ASP A 327 16.87 17.19 11.53
C ASP A 327 17.71 16.13 12.24
N VAL A 328 17.09 15.04 12.70
CA VAL A 328 17.75 14.10 13.60
C VAL A 328 18.08 12.80 12.85
N LEU A 329 19.36 12.38 12.92
CA LEU A 329 19.82 11.15 12.26
C LEU A 329 19.67 9.99 13.24
N LEU A 330 18.81 9.03 12.90
CA LEU A 330 18.46 7.91 13.77
C LEU A 330 18.73 6.58 13.09
N ARG A 331 19.19 5.58 13.85
CA ARG A 331 19.48 4.25 13.32
C ARG A 331 18.62 3.19 14.01
N GLY A 332 17.98 2.34 13.21
CA GLY A 332 17.13 1.29 13.75
C GLY A 332 17.62 -0.10 13.41
N ARG A 333 16.71 -1.08 13.44
CA ARG A 333 17.06 -2.46 13.11
C ARG A 333 15.77 -3.13 12.69
N GLY A 334 15.74 -3.69 11.48
CA GLY A 334 14.48 -4.20 10.96
C GLY A 334 13.50 -3.09 10.56
N GLN A 335 12.22 -3.46 10.57
CA GLN A 335 11.09 -2.61 10.20
C GLN A 335 11.07 -2.39 8.70
N VAL A 336 9.99 -1.81 8.21
CA VAL A 336 9.74 -1.60 6.79
C VAL A 336 9.44 -0.12 6.56
N SER A 337 9.99 0.43 5.47
CA SER A 337 9.79 1.81 5.08
C SER A 337 8.67 1.90 4.04
N SER A 338 7.84 2.95 4.13
N SER A 338 7.84 2.93 4.16
CA SER A 338 6.67 3.01 3.25
CA SER A 338 6.67 3.04 3.30
C SER A 338 7.03 3.50 1.86
C SER A 338 7.05 3.54 1.92
N GLY A 339 7.94 4.47 1.74
N GLY A 339 6.16 3.26 0.97
CA GLY A 339 8.29 5.03 0.45
CA GLY A 339 6.35 3.59 -0.43
C GLY A 339 9.32 4.21 -0.28
C GLY A 339 5.66 2.53 -1.24
N ARG A 340 9.14 2.89 -0.27
N ARG A 340 5.38 1.40 -0.59
CA ARG A 340 10.00 1.94 -0.97
CA ARG A 340 4.71 0.22 -1.16
C ARG A 340 9.10 1.11 -1.87
C ARG A 340 5.13 -0.01 -2.61
N GLN A 341 9.41 1.11 -3.17
N GLN A 341 6.44 0.03 -2.85
CA GLN A 341 8.53 0.46 -4.13
CA GLN A 341 6.95 -0.31 -4.17
C GLN A 341 8.34 -1.03 -3.87
C GLN A 341 7.54 -1.72 -4.07
N PRO A 342 9.36 -1.81 -3.52
N PRO A 342 8.79 -1.97 -3.62
CA PRO A 342 9.14 -3.23 -3.22
CA PRO A 342 9.08 -3.32 -3.14
C PRO A 342 8.31 -3.49 -1.97
C PRO A 342 8.34 -3.63 -1.87
N THR A 343 8.04 -2.46 -1.15
N THR A 343 8.06 -2.59 -1.08
CA THR A 343 7.38 -2.70 0.13
CA THR A 343 7.36 -2.77 0.18
C THR A 343 6.05 -3.42 -0.04
C THR A 343 6.02 -3.45 -0.02
N TYR A 344 5.26 -3.02 -1.05
CA TYR A 344 3.94 -3.65 -1.23
C TYR A 344 4.08 -5.14 -1.51
N ALA A 345 4.94 -5.48 -2.47
CA ALA A 345 5.10 -6.88 -2.84
C ALA A 345 5.70 -7.67 -1.69
N ALA A 346 6.71 -7.10 -1.03
CA ALA A 346 7.34 -7.82 0.08
C ALA A 346 6.39 -7.95 1.27
N ASN A 347 5.64 -6.89 1.60
CA ASN A 347 4.66 -7.04 2.67
C ASN A 347 3.65 -8.12 2.32
N THR A 348 3.17 -8.12 1.08
CA THR A 348 2.15 -9.09 0.70
C THR A 348 2.68 -10.52 0.87
N ILE A 349 3.91 -10.76 0.40
CA ILE A 349 4.47 -12.09 0.50
C ILE A 349 4.68 -12.49 1.96
N THR A 350 5.27 -11.61 2.76
CA THR A 350 5.49 -11.93 4.17
C THR A 350 4.18 -12.07 4.94
N ASN A 351 3.17 -11.29 4.58
CA ASN A 351 1.86 -11.46 5.22
C ASN A 351 1.27 -12.82 4.85
N PHE A 352 1.34 -13.19 3.58
CA PHE A 352 0.87 -14.51 3.17
C PHE A 352 1.59 -15.62 3.93
N ILE A 353 2.93 -15.53 4.01
CA ILE A 353 3.69 -16.62 4.61
C ILE A 353 3.44 -16.71 6.12
N THR A 354 3.53 -15.60 6.84
CA THR A 354 3.32 -15.66 8.28
C THR A 354 1.91 -16.14 8.60
N THR A 355 0.94 -15.71 7.81
CA THR A 355 -0.45 -16.12 8.07
C THR A 355 -0.65 -17.60 7.76
N THR A 356 -0.15 -18.05 6.61
CA THR A 356 -0.26 -19.46 6.25
C THR A 356 0.43 -20.34 7.28
N TYR A 357 1.62 -19.93 7.73
CA TYR A 357 2.34 -20.69 8.74
C TYR A 357 1.54 -20.81 10.03
N GLY A 358 1.04 -19.68 10.56
CA GLY A 358 0.29 -19.74 11.80
C GLY A 358 -0.96 -20.59 11.66
N MET A 359 -1.60 -20.52 10.51
CA MET A 359 -2.78 -21.34 10.27
C MET A 359 -2.42 -22.81 10.21
N ALA A 360 -1.34 -23.13 9.49
CA ALA A 360 -0.99 -24.53 9.29
C ALA A 360 -0.57 -25.16 10.61
N VAL A 361 0.21 -24.45 11.42
CA VAL A 361 0.62 -25.00 12.71
C VAL A 361 -0.60 -25.15 13.61
N THR A 362 -1.44 -24.12 13.66
CA THR A 362 -2.62 -24.15 14.55
C THR A 362 -3.59 -25.25 14.17
N LEU A 363 -3.79 -25.49 12.87
CA LEU A 363 -4.72 -26.54 12.44
C LEU A 363 -4.08 -27.91 12.41
N GLY A 364 -2.78 -28.02 12.72
CA GLY A 364 -2.09 -29.28 12.67
C GLY A 364 -1.91 -29.86 11.28
N ILE A 365 -1.77 -29.02 10.27
CA ILE A 365 -1.47 -29.53 8.93
C ILE A 365 -0.03 -30.05 8.93
N PRO A 366 0.20 -31.31 8.57
CA PRO A 366 1.56 -31.86 8.63
C PRO A 366 2.48 -31.20 7.63
N GLU A 367 3.76 -31.08 8.00
CA GLU A 367 4.69 -30.30 7.19
C GLU A 367 4.89 -30.91 5.81
N ALA A 368 4.76 -32.24 5.69
CA ALA A 368 4.87 -32.84 4.36
C ALA A 368 3.73 -32.41 3.44
N ASP A 369 2.62 -31.90 3.99
CA ASP A 369 1.52 -31.37 3.19
C ASP A 369 1.65 -29.88 2.90
N TRP A 370 2.70 -29.23 3.40
CA TRP A 370 2.80 -27.78 3.17
C TRP A 370 3.04 -27.41 1.71
N PRO A 371 3.83 -28.17 0.93
CA PRO A 371 3.92 -27.84 -0.51
C PRO A 371 2.58 -27.86 -1.21
N ARG A 372 1.76 -28.89 -0.98
CA ARG A 372 0.41 -28.93 -1.53
C ARG A 372 -0.44 -27.76 -1.02
N LEU A 373 -0.32 -27.46 0.27
CA LEU A 373 -1.12 -26.39 0.85
C LEU A 373 -0.86 -25.07 0.14
N ILE A 374 0.42 -24.72 -0.04
CA ILE A 374 0.78 -23.46 -0.68
C ILE A 374 0.38 -23.47 -2.16
N ARG A 375 0.50 -24.62 -2.83
CA ARG A 375 0.01 -24.71 -4.21
C ARG A 375 -1.50 -24.48 -4.28
N ASP A 376 -2.26 -25.16 -3.41
CA ASP A 376 -3.72 -25.04 -3.45
C ASP A 376 -4.18 -23.63 -3.12
N LEU A 377 -3.52 -22.97 -2.17
CA LEU A 377 -3.84 -21.57 -1.92
C LEU A 377 -3.57 -20.71 -3.14
N THR A 378 -2.45 -20.98 -3.82
CA THR A 378 -2.10 -20.22 -5.02
C THR A 378 -3.06 -20.50 -6.17
N ASP A 379 -3.63 -21.72 -6.24
CA ASP A 379 -4.52 -22.13 -7.31
C ASP A 379 -6.00 -21.98 -6.96
N GLU A 380 -6.32 -21.51 -5.76
CA GLU A 380 -7.68 -21.42 -5.24
C GLU A 380 -8.39 -22.76 -5.37
N ARG A 381 -7.75 -23.78 -4.80
CA ARG A 381 -8.32 -25.11 -4.72
C ARG A 381 -8.39 -25.52 -3.26
N GLY A 382 -9.33 -26.40 -2.93
CA GLY A 382 -9.43 -26.88 -1.58
C GLY A 382 -10.28 -25.97 -0.71
N ASN A 383 -10.28 -26.27 0.59
CA ASN A 383 -11.23 -25.69 1.54
C ASN A 383 -10.63 -24.59 2.40
N ARG A 384 -9.49 -24.03 2.00
CA ARG A 384 -8.88 -22.91 2.69
C ARG A 384 -8.48 -21.90 1.64
N ARG A 385 -8.75 -20.61 1.88
CA ARG A 385 -8.39 -19.58 0.91
C ARG A 385 -7.85 -18.37 1.65
N LEU A 386 -6.97 -17.63 0.98
CA LEU A 386 -6.47 -16.36 1.49
C LEU A 386 -6.64 -15.28 0.43
N LEU A 387 -6.91 -14.05 0.90
CA LEU A 387 -6.72 -12.86 0.08
C LEU A 387 -5.80 -11.92 0.84
N VAL A 388 -4.74 -11.43 0.19
CA VAL A 388 -3.71 -10.67 0.88
C VAL A 388 -3.37 -9.47 0.01
N SER A 389 -3.27 -8.28 0.63
CA SER A 389 -2.77 -7.11 -0.07
C SER A 389 -1.98 -6.29 0.93
N GLY A 390 -0.65 -6.26 0.80
CA GLY A 390 0.19 -5.60 1.80
C GLY A 390 -0.08 -6.20 3.17
N ASP A 391 -0.36 -5.36 4.15
CA ASP A 391 -0.59 -5.83 5.52
C ASP A 391 -2.03 -6.25 5.78
N ASP A 392 -2.85 -6.31 4.74
CA ASP A 392 -4.28 -6.58 4.87
C ASP A 392 -4.56 -8.00 4.39
N LYS A 393 -5.30 -8.79 5.16
CA LYS A 393 -5.58 -10.16 4.75
C LYS A 393 -6.96 -10.58 5.22
N VAL A 394 -7.55 -11.51 4.48
CA VAL A 394 -8.72 -12.25 4.94
C VAL A 394 -8.39 -13.74 4.79
N LEU A 395 -8.60 -14.50 5.86
CA LEU A 395 -8.41 -15.94 5.84
C LEU A 395 -9.78 -16.61 5.82
N PHE A 396 -9.97 -17.53 4.88
CA PHE A 396 -11.24 -18.22 4.68
C PHE A 396 -11.09 -19.69 5.03
N LEU A 397 -11.99 -20.20 5.87
CA LEU A 397 -11.90 -21.58 6.34
C LEU A 397 -13.32 -22.13 6.50
N ARG A 398 -13.43 -23.45 6.50
CA ARG A 398 -14.68 -24.04 6.92
C ARG A 398 -14.93 -23.69 8.38
N GLY A 399 -16.21 -23.73 8.78
CA GLY A 399 -16.56 -23.34 10.14
C GLY A 399 -15.79 -24.10 11.21
N ASP A 400 -15.56 -25.40 10.98
CA ASP A 400 -14.89 -26.18 12.02
C ASP A 400 -13.43 -25.75 12.19
N GLU A 401 -12.72 -25.60 11.08
CA GLU A 401 -11.34 -25.12 11.16
C GLU A 401 -11.27 -23.67 11.62
N ALA A 402 -12.25 -22.85 11.25
CA ALA A 402 -12.25 -21.46 11.70
C ALA A 402 -12.31 -21.39 13.23
N ARG A 403 -13.08 -22.28 13.85
N ARG A 403 -13.07 -22.29 13.85
CA ARG A 403 -13.18 -22.27 15.30
CA ARG A 403 -13.18 -22.27 15.31
C ARG A 403 -11.85 -22.64 15.94
C ARG A 403 -11.86 -22.67 15.96
N VAL A 404 -11.17 -23.66 15.39
CA VAL A 404 -9.86 -24.04 15.90
C VAL A 404 -8.88 -22.88 15.72
N TYR A 405 -8.89 -22.27 14.54
CA TYR A 405 -7.98 -21.15 14.28
C TYR A 405 -8.25 -20.00 15.24
N ALA A 406 -9.52 -19.62 15.37
CA ALA A 406 -9.88 -18.46 16.18
C ALA A 406 -9.49 -18.65 17.64
N SER A 407 -9.41 -19.90 18.10
CA SER A 407 -9.15 -20.15 19.51
C SER A 407 -7.68 -20.03 19.88
N SER A 408 -6.75 -20.06 18.90
CA SER A 408 -5.36 -20.06 19.36
C SER A 408 -4.33 -19.54 18.36
N ALA A 409 -4.71 -19.27 17.11
CA ALA A 409 -3.70 -18.88 16.13
C ALA A 409 -3.01 -17.57 16.50
N TYR A 410 -3.72 -16.67 17.19
CA TYR A 410 -3.12 -15.42 17.65
C TYR A 410 -1.90 -15.62 18.53
N ARG A 411 -1.72 -16.81 19.11
CA ARG A 411 -0.54 -17.00 19.96
C ARG A 411 0.74 -16.98 19.12
N ILE A 412 0.66 -17.47 17.89
CA ILE A 412 1.85 -17.52 17.05
C ILE A 412 2.21 -16.13 16.53
N SER A 413 1.21 -15.38 16.06
CA SER A 413 1.48 -14.01 15.61
C SER A 413 1.87 -13.12 16.79
N ASN A 414 1.29 -13.35 17.97
CA ASN A 414 1.75 -12.62 19.15
C ASN A 414 3.23 -12.91 19.42
N ASP A 415 3.64 -14.19 19.31
CA ASP A 415 5.05 -14.57 19.51
C ASP A 415 5.97 -13.76 18.61
N MET A 416 5.50 -13.41 17.42
CA MET A 416 6.34 -12.68 16.47
C MET A 416 6.16 -11.17 16.59
N GLY A 417 5.38 -10.71 17.57
CA GLY A 417 5.12 -9.29 17.74
C GLY A 417 4.09 -8.70 16.79
N LEU A 418 3.45 -9.53 15.97
CA LEU A 418 2.43 -9.08 15.02
C LEU A 418 1.08 -9.00 15.74
N VAL A 419 1.02 -8.06 16.69
CA VAL A 419 -0.12 -7.90 17.57
C VAL A 419 -1.28 -7.31 16.80
N ARG A 420 -2.48 -7.86 17.02
CA ARG A 420 -3.67 -7.48 16.28
C ARG A 420 -4.24 -6.16 16.78
N LYS A 421 -4.70 -5.33 15.83
CA LYS A 421 -5.14 -3.98 16.16
C LYS A 421 -6.49 -4.01 16.89
N ASP A 422 -6.62 -3.15 17.91
CA ASP A 422 -7.88 -2.89 18.60
C ASP A 422 -8.50 -4.12 19.28
N MET A 423 -7.75 -5.17 19.59
CA MET A 423 -8.31 -6.21 20.43
C MET A 423 -7.31 -6.56 21.52
N ALA A 424 -7.83 -7.18 22.57
CA ALA A 424 -6.96 -7.69 23.62
C ALA A 424 -6.01 -8.72 23.04
N LEU A 425 -4.84 -8.86 23.69
CA LEU A 425 -3.79 -9.73 23.18
C LEU A 425 -4.28 -11.14 22.92
N GLU A 426 -5.06 -11.70 23.83
CA GLU A 426 -5.47 -13.09 23.71
C GLU A 426 -6.97 -13.22 23.47
N GLN A 427 -7.54 -12.20 22.83
CA GLN A 427 -8.94 -12.26 22.41
C GLN A 427 -9.07 -13.26 21.28
N GLU A 428 -10.06 -14.15 21.37
CA GLU A 428 -10.30 -15.10 20.29
C GLU A 428 -10.79 -14.35 19.06
N SER A 429 -10.44 -14.88 17.88
CA SER A 429 -10.78 -14.20 16.65
C SER A 429 -12.29 -14.18 16.47
N GLU A 430 -12.80 -13.07 15.91
CA GLU A 430 -14.18 -13.03 15.46
C GLU A 430 -14.33 -13.81 14.16
N ILE A 431 -15.32 -14.70 14.12
CA ILE A 431 -15.57 -15.52 12.95
C ILE A 431 -16.70 -14.88 12.14
N ILE A 432 -16.39 -14.41 10.92
CA ILE A 432 -17.36 -13.73 10.07
C ILE A 432 -18.02 -14.76 9.17
N VAL A 433 -19.34 -14.72 9.07
CA VAL A 433 -20.07 -15.68 8.26
C VAL A 433 -20.92 -15.04 7.17
N ASP A 434 -20.95 -13.71 7.09
CA ASP A 434 -21.67 -12.94 6.08
C ASP A 434 -20.65 -12.23 5.21
N VAL A 435 -20.65 -12.54 3.90
CA VAL A 435 -19.66 -11.96 2.99
C VAL A 435 -19.66 -10.42 3.04
N LYS A 436 -20.81 -9.82 3.29
CA LYS A 436 -20.92 -8.37 3.29
C LYS A 436 -20.29 -7.74 4.53
N GLU A 437 -19.87 -8.55 5.51
CA GLU A 437 -19.27 -8.01 6.72
C GLU A 437 -17.75 -8.11 6.69
N ILE A 438 -17.17 -8.63 5.61
CA ILE A 438 -15.73 -8.81 5.53
C ILE A 438 -15.09 -7.54 5.03
N SER A 439 -14.16 -6.98 5.79
N SER A 439 -14.13 -7.02 5.78
CA SER A 439 -13.40 -5.82 5.34
CA SER A 439 -13.39 -5.84 5.36
C SER A 439 -12.13 -6.31 4.68
C SER A 439 -12.09 -6.29 4.69
N PHE A 440 -11.85 -5.81 3.48
CA PHE A 440 -10.62 -6.10 2.74
C PHE A 440 -10.24 -4.87 1.93
N CYS A 441 -8.99 -4.43 2.10
CA CYS A 441 -8.50 -3.25 1.41
C CYS A 441 -9.37 -2.02 1.72
N SER A 442 -9.80 -1.92 2.97
CA SER A 442 -10.57 -0.79 3.50
C SER A 442 -11.97 -0.67 2.92
N HIS A 443 -12.48 -1.73 2.29
CA HIS A 443 -13.86 -1.73 1.82
C HIS A 443 -14.57 -2.97 2.32
N ARG A 444 -15.89 -2.89 2.33
CA ARG A 444 -16.77 -4.04 2.32
C ARG A 444 -17.39 -4.11 0.93
N TYR A 445 -18.08 -5.21 0.66
CA TYR A 445 -18.53 -5.52 -0.69
C TYR A 445 -19.99 -5.93 -0.64
N TRP A 446 -20.82 -5.26 -1.44
CA TRP A 446 -22.24 -5.50 -1.45
C TRP A 446 -22.68 -6.00 -2.81
N PRO A 447 -23.71 -6.83 -2.86
CA PRO A 447 -24.20 -7.35 -4.14
C PRO A 447 -24.94 -6.25 -4.91
N VAL A 448 -24.59 -6.08 -6.18
CA VAL A 448 -25.18 -5.09 -7.06
C VAL A 448 -25.59 -5.79 -8.34
N LYS A 449 -26.80 -5.49 -8.84
CA LYS A 449 -27.29 -6.17 -10.05
C LYS A 449 -26.82 -5.44 -11.31
N TYR A 450 -26.29 -6.20 -12.25
CA TYR A 450 -25.93 -5.75 -13.59
C TYR A 450 -26.79 -6.58 -14.53
N GLY A 451 -27.83 -5.98 -15.11
CA GLY A 451 -28.79 -6.79 -15.84
C GLY A 451 -29.34 -7.87 -14.93
N ASN A 452 -29.20 -9.13 -15.32
CA ASN A 452 -29.67 -10.24 -14.52
C ASN A 452 -28.56 -10.95 -13.74
N GLU A 453 -27.38 -10.35 -13.60
CA GLU A 453 -26.32 -10.94 -12.78
C GLU A 453 -25.92 -10.01 -11.64
N ILE A 454 -25.31 -10.63 -10.63
CA ILE A 454 -24.91 -9.96 -9.40
C ILE A 454 -23.39 -9.90 -9.36
N HIS A 455 -22.84 -8.73 -9.02
CA HIS A 455 -21.43 -8.64 -8.70
C HIS A 455 -21.26 -7.86 -7.42
N TYR A 456 -20.28 -8.27 -6.62
CA TYR A 456 -20.02 -7.64 -5.33
C TYR A 456 -19.13 -6.43 -5.53
N MET A 457 -19.60 -5.27 -5.08
CA MET A 457 -18.93 -4.03 -5.40
C MET A 457 -18.53 -3.27 -4.14
N PRO A 458 -17.50 -2.45 -4.21
CA PRO A 458 -16.90 -1.93 -2.97
C PRO A 458 -17.68 -0.77 -2.37
N VAL A 459 -17.79 -0.77 -1.05
CA VAL A 459 -18.34 0.37 -0.34
C VAL A 459 -17.45 0.70 0.84
N ARG A 460 -17.43 1.98 1.17
CA ARG A 460 -16.80 2.48 2.39
C ARG A 460 -17.44 3.84 2.63
N ASP A 461 -17.12 4.43 3.77
CA ASP A 461 -17.65 5.76 4.10
C ASP A 461 -17.38 6.73 2.94
N VAL A 462 -18.43 7.43 2.50
CA VAL A 462 -18.25 8.27 1.32
C VAL A 462 -17.40 9.50 1.60
N GLY A 463 -17.26 9.88 2.87
CA GLY A 463 -16.33 10.96 3.19
C GLY A 463 -14.90 10.56 2.90
N GLU A 464 -14.57 9.29 3.16
CA GLU A 464 -13.25 8.79 2.82
C GLU A 464 -13.05 8.77 1.31
N ILE A 465 -14.06 8.28 0.57
CA ILE A 465 -13.97 8.25 -0.88
C ILE A 465 -13.75 9.65 -1.42
N PHE A 466 -14.58 10.61 -0.99
CA PHE A 466 -14.47 11.96 -1.51
C PHE A 466 -13.16 12.61 -1.09
N ALA A 467 -12.75 12.41 0.16
CA ALA A 467 -11.50 12.99 0.64
C ALA A 467 -10.32 12.53 -0.20
N LYS A 468 -10.24 11.22 -0.48
CA LYS A 468 -9.13 10.70 -1.28
C LYS A 468 -9.16 11.25 -2.70
N ALA A 469 -10.35 11.53 -3.22
CA ALA A 469 -10.45 12.11 -4.57
C ALA A 469 -10.11 13.58 -4.61
N THR A 470 -10.00 14.24 -3.46
CA THR A 470 -9.73 15.68 -3.38
C THR A 470 -8.31 16.03 -2.96
N MET A 471 -7.70 15.24 -2.08
CA MET A 471 -6.40 15.56 -1.50
C MET A 471 -5.32 14.99 -2.39
N ALA A 472 -4.64 15.86 -3.13
CA ALA A 472 -3.49 15.47 -3.92
C ALA A 472 -2.27 15.18 -3.05
N MET A 480 -1.70 22.25 -15.22
CA MET A 480 -2.66 21.35 -15.87
C MET A 480 -2.59 19.96 -15.26
N THR A 481 -1.52 19.72 -14.50
CA THR A 481 -1.42 18.46 -13.75
C THR A 481 -2.59 18.31 -12.79
N GLN A 482 -2.99 19.41 -12.15
CA GLN A 482 -4.11 19.37 -11.23
C GLN A 482 -5.41 18.97 -11.93
N GLU A 483 -5.64 19.48 -13.15
CA GLU A 483 -6.84 19.12 -13.90
C GLU A 483 -6.78 17.67 -14.38
N ALA A 484 -5.60 17.25 -14.87
CA ALA A 484 -5.42 15.87 -15.27
C ALA A 484 -5.64 14.93 -14.10
N TRP A 485 -5.10 15.30 -12.92
CA TRP A 485 -5.28 14.49 -11.72
C TRP A 485 -6.76 14.37 -11.35
N ALA A 486 -7.48 15.50 -11.38
CA ALA A 486 -8.92 15.44 -11.09
C ALA A 486 -9.65 14.57 -12.10
N ARG A 487 -9.30 14.70 -13.38
CA ARG A 487 -10.02 13.91 -14.39
C ARG A 487 -9.82 12.41 -14.15
N VAL A 488 -8.59 12.01 -13.83
CA VAL A 488 -8.31 10.62 -13.50
C VAL A 488 -9.11 10.19 -12.28
N GLN A 489 -9.19 11.06 -11.26
CA GLN A 489 -10.02 10.72 -10.11
C GLN A 489 -11.47 10.49 -10.53
N GLY A 490 -11.97 11.26 -11.50
CA GLY A 490 -13.33 11.05 -11.96
C GLY A 490 -13.49 9.75 -12.73
N LEU A 491 -12.53 9.45 -13.62
CA LEU A 491 -12.60 8.17 -14.33
C LEU A 491 -12.55 7.00 -13.35
N ASN A 492 -11.62 7.05 -12.41
CA ASN A 492 -11.51 6.00 -11.40
C ASN A 492 -12.77 5.88 -10.57
N MET A 493 -13.38 7.01 -10.19
CA MET A 493 -14.57 6.95 -9.35
C MET A 493 -15.73 6.38 -10.13
N LEU A 494 -15.82 6.70 -11.42
CA LEU A 494 -16.92 6.17 -12.22
C LEU A 494 -16.79 4.66 -12.36
N VAL A 495 -15.58 4.17 -12.61
CA VAL A 495 -15.40 2.73 -12.82
C VAL A 495 -15.69 1.98 -11.53
N ASN A 496 -15.17 2.46 -10.40
CA ASN A 496 -15.18 1.68 -9.17
C ASN A 496 -16.40 1.92 -8.30
N TYR A 497 -17.05 3.09 -8.39
CA TYR A 497 -18.08 3.43 -7.42
C TYR A 497 -19.38 3.88 -8.08
N HIS A 498 -19.60 3.52 -9.34
CA HIS A 498 -20.83 3.95 -10.03
C HIS A 498 -22.09 3.44 -9.35
N HIS A 499 -21.98 2.39 -8.53
CA HIS A 499 -23.15 1.85 -7.84
C HIS A 499 -23.57 2.71 -6.66
N ILE A 500 -22.71 3.63 -6.22
CA ILE A 500 -23.03 4.57 -5.15
C ILE A 500 -23.51 5.85 -5.82
N PRO A 501 -24.79 6.24 -5.68
CA PRO A 501 -25.30 7.32 -6.55
C PRO A 501 -24.53 8.61 -6.43
N GLU A 502 -24.20 9.06 -5.21
CA GLU A 502 -23.47 10.32 -5.09
C GLU A 502 -22.10 10.24 -5.74
N CYS A 503 -21.51 9.05 -5.80
CA CYS A 503 -20.19 8.89 -6.42
C CYS A 503 -20.31 8.93 -7.94
N ARG A 504 -21.32 8.26 -8.48
CA ARG A 504 -21.56 8.36 -9.92
C ARG A 504 -21.81 9.82 -10.32
N MET A 505 -22.60 10.54 -9.50
CA MET A 505 -22.88 11.95 -9.80
C MET A 505 -21.61 12.79 -9.76
N LEU A 506 -20.83 12.66 -8.69
CA LEU A 506 -19.59 13.43 -8.59
C LEU A 506 -18.64 13.09 -9.74
N ALA A 507 -18.54 11.81 -10.09
CA ALA A 507 -17.65 11.42 -11.18
C ALA A 507 -18.07 12.07 -12.49
N LEU A 508 -19.38 11.99 -12.81
CA LEU A 508 -19.86 12.60 -14.04
C LEU A 508 -19.65 14.10 -14.03
N ALA A 509 -19.79 14.73 -12.86
CA ALA A 509 -19.53 16.16 -12.74
C ALA A 509 -18.04 16.46 -12.97
N ILE A 510 -17.15 15.66 -12.40
CA ILE A 510 -15.72 15.82 -12.63
C ILE A 510 -15.39 15.71 -14.11
N LEU A 511 -15.93 14.70 -14.78
CA LEU A 511 -15.65 14.51 -16.20
C LEU A 511 -16.25 15.62 -17.05
N SER A 512 -17.26 16.33 -16.54
CA SER A 512 -17.87 17.45 -17.24
C SER A 512 -17.09 18.75 -17.08
N VAL A 513 -16.34 18.90 -15.98
CA VAL A 513 -15.60 20.14 -15.71
C VAL A 513 -14.14 20.08 -16.12
N THR A 514 -13.60 18.89 -16.37
CA THR A 514 -12.22 18.75 -16.81
C THR A 514 -12.19 18.60 -18.33
N ARG A 515 -11.16 19.19 -18.94
CA ARG A 515 -11.13 19.28 -20.39
C ARG A 515 -10.61 17.99 -21.03
N ILE A 516 -10.96 17.82 -22.29
CA ILE A 516 -10.47 16.71 -23.10
C ILE A 516 -9.05 17.01 -23.56
N GLY A 517 -8.26 15.96 -23.79
CA GLY A 517 -6.95 16.09 -24.38
C GLY A 517 -5.79 16.18 -23.43
N LEU A 518 -6.03 15.99 -22.13
CA LEU A 518 -4.99 16.00 -21.11
C LEU A 518 -4.17 14.71 -21.14
N ASN A 519 -2.95 14.77 -20.59
CA ASN A 519 -2.12 13.58 -20.46
C ASN A 519 -2.56 12.84 -19.20
N LEU A 520 -3.45 11.85 -19.37
CA LEU A 520 -3.92 11.08 -18.22
C LEU A 520 -2.94 9.99 -17.82
N LYS A 521 -2.19 9.44 -18.79
CA LYS A 521 -1.25 8.35 -18.52
C LYS A 521 -0.09 8.77 -17.62
N GLY A 522 0.25 10.05 -17.58
CA GLY A 522 1.33 10.48 -16.71
C GLY A 522 0.97 10.60 -15.24
N ILE A 523 -0.30 10.59 -14.91
CA ILE A 523 -0.73 10.80 -13.52
C ILE A 523 -0.52 9.54 -12.69
N THR A 531 -4.40 2.82 -19.26
CA THR A 531 -5.00 1.49 -19.08
C THR A 531 -6.37 1.35 -19.74
N GLU A 532 -7.05 0.25 -19.43
CA GLU A 532 -8.28 -0.11 -20.12
C GLU A 532 -9.29 1.05 -20.12
N TRP A 533 -9.43 1.74 -18.98
CA TRP A 533 -10.48 2.73 -18.83
C TRP A 533 -9.96 4.16 -18.72
N LEU A 534 -8.65 4.35 -18.77
CA LEU A 534 -8.03 5.67 -18.58
C LEU A 534 -8.06 6.45 -19.90
N ARG A 535 -9.25 6.86 -20.30
CA ARG A 535 -9.39 7.49 -21.61
C ARG A 535 -10.54 8.50 -21.59
N ASP A 536 -10.38 9.56 -22.41
CA ASP A 536 -11.37 10.63 -22.49
C ASP A 536 -12.73 10.12 -22.97
N ASP A 537 -12.73 9.11 -23.83
CA ASP A 537 -13.97 8.59 -24.40
C ASP A 537 -14.50 7.38 -23.65
N LEU A 538 -14.18 7.27 -22.36
CA LEU A 538 -14.68 6.17 -21.55
C LEU A 538 -16.19 6.05 -21.68
N ALA A 539 -16.69 4.81 -21.81
CA ALA A 539 -18.12 4.61 -21.99
C ALA A 539 -18.57 3.39 -21.20
N PRO A 540 -19.87 3.16 -20.99
CA PRO A 540 -20.30 1.97 -20.22
C PRO A 540 -19.76 0.64 -20.75
N ASP A 541 -19.65 0.46 -22.06
CA ASP A 541 -19.12 -0.80 -22.60
C ASP A 541 -17.78 -1.16 -21.98
N THR A 542 -16.93 -0.17 -21.69
CA THR A 542 -15.65 -0.50 -21.05
C THR A 542 -15.87 -0.99 -19.63
N ILE A 543 -16.82 -0.39 -18.92
CA ILE A 543 -17.09 -0.82 -17.56
C ILE A 543 -17.73 -2.20 -17.55
N HIS A 544 -18.69 -2.44 -18.45
CA HIS A 544 -19.29 -3.76 -18.54
C HIS A 544 -18.26 -4.82 -18.91
N ALA A 545 -17.27 -4.47 -19.74
CA ALA A 545 -16.25 -5.45 -20.08
C ALA A 545 -15.47 -5.87 -18.83
N LEU A 546 -15.20 -4.91 -17.95
CA LEU A 546 -14.45 -5.18 -16.73
C LEU A 546 -15.24 -5.98 -15.71
N ILE A 547 -16.55 -5.80 -15.61
CA ILE A 547 -17.34 -6.43 -14.56
C ILE A 547 -18.03 -7.71 -15.03
N THR A 548 -18.69 -7.67 -16.19
CA THR A 548 -19.45 -8.84 -16.67
C THR A 548 -18.86 -9.44 -17.94
N GLU A 549 -17.62 -9.08 -18.29
CA GLU A 549 -17.01 -9.52 -19.56
C GLU A 549 -17.90 -9.18 -20.74
N GLY A 550 -18.64 -8.07 -20.65
CA GLY A 550 -19.46 -7.63 -21.75
C GLY A 550 -20.72 -8.43 -21.98
N ARG A 551 -21.23 -9.11 -20.97
CA ARG A 551 -22.55 -9.72 -21.07
C ARG A 551 -23.69 -8.70 -20.90
N THR A 552 -23.40 -7.55 -20.32
CA THR A 552 -24.39 -6.50 -20.14
C THR A 552 -23.93 -5.28 -20.93
N SER A 553 -24.79 -4.27 -21.02
CA SER A 553 -24.42 -3.10 -21.81
C SER A 553 -25.21 -1.88 -21.34
N GLY A 554 -24.68 -0.70 -21.67
CA GLY A 554 -25.45 0.52 -21.55
C GLY A 554 -25.39 1.13 -20.17
N TRP A 555 -25.74 2.42 -20.09
CA TRP A 555 -25.83 3.06 -18.77
C TRP A 555 -26.88 2.39 -17.89
N ASP A 556 -27.95 1.89 -18.52
CA ASP A 556 -29.08 1.37 -17.78
C ASP A 556 -28.81 0.03 -17.09
N GLN A 557 -27.75 -0.68 -17.46
CA GLN A 557 -27.40 -1.91 -16.77
C GLN A 557 -26.21 -1.75 -15.83
N LEU A 558 -25.78 -0.52 -15.57
CA LEU A 558 -24.85 -0.27 -14.47
C LEU A 558 -25.66 -0.13 -13.19
N GLY A 559 -25.50 -1.08 -12.27
CA GLY A 559 -26.39 -1.13 -11.13
C GLY A 559 -26.13 -0.07 -10.07
N TYR A 560 -27.08 0.03 -9.15
CA TYR A 560 -27.03 0.90 -7.99
C TYR A 560 -27.28 0.09 -6.73
N VAL A 561 -26.72 0.55 -5.60
CA VAL A 561 -27.18 0.00 -4.34
C VAL A 561 -28.65 0.36 -4.12
N ASP A 562 -29.31 -0.39 -3.26
CA ASP A 562 -30.71 -0.15 -2.96
C ASP A 562 -30.89 1.16 -2.20
N PHE A 563 -32.01 1.85 -2.47
CA PHE A 563 -32.26 3.13 -1.80
C PHE A 563 -32.24 2.95 -0.29
N LYS A 564 -32.76 1.83 0.21
CA LYS A 564 -32.84 1.58 1.65
C LYS A 564 -31.48 1.51 2.32
N ASP A 565 -30.40 1.29 1.56
CA ASP A 565 -29.08 1.15 2.16
C ASP A 565 -28.28 2.44 2.07
N ARG A 566 -28.90 3.50 1.58
CA ARG A 566 -28.23 4.78 1.41
C ARG A 566 -28.33 5.56 2.72
N LYS A 567 -27.41 5.24 3.63
CA LYS A 567 -27.34 5.75 4.99
C LYS A 567 -26.04 5.22 5.58
N GLY A 568 -25.73 5.65 6.80
CA GLY A 568 -24.53 5.15 7.46
C GLY A 568 -23.24 5.54 6.76
N ILE A 569 -22.56 4.57 6.15
CA ILE A 569 -21.35 4.91 5.40
C ILE A 569 -21.67 5.71 4.14
N LEU A 570 -22.86 5.56 3.58
CA LEU A 570 -23.26 6.25 2.36
C LEU A 570 -24.07 7.49 2.70
N LEU A 571 -24.12 8.43 1.75
CA LEU A 571 -24.82 9.69 1.98
C LEU A 571 -26.32 9.44 2.05
N ARG A 572 -26.97 9.95 3.09
CA ARG A 572 -28.42 9.99 3.12
C ARG A 572 -28.95 10.94 2.05
N PRO A 573 -29.94 10.53 1.27
CA PRO A 573 -30.42 11.36 0.14
C PRO A 573 -31.47 12.41 0.56
N ASP A 574 -31.05 13.36 1.39
CA ASP A 574 -31.95 14.36 1.96
C ASP A 574 -31.88 15.65 1.11
N THR A 575 -32.49 16.73 1.61
CA THR A 575 -32.52 17.99 0.86
C THR A 575 -31.12 18.56 0.60
N ASN A 576 -30.20 18.43 1.57
CA ASN A 576 -28.81 18.83 1.30
C ASN A 576 -28.28 18.14 0.05
N TYR A 577 -28.48 16.82 -0.04
CA TYR A 577 -28.03 16.07 -1.20
C TYR A 577 -28.79 16.50 -2.46
N LYS A 578 -30.12 16.69 -2.35
CA LYS A 578 -30.89 17.06 -3.54
C LYS A 578 -30.58 18.47 -4.01
N ASN A 579 -30.22 19.38 -3.09
CA ASN A 579 -29.83 20.72 -3.49
C ASN A 579 -28.49 20.71 -4.22
N TRP A 580 -27.50 20.00 -3.67
CA TRP A 580 -26.23 19.78 -4.35
C TRP A 580 -26.46 19.25 -5.76
N ARG A 581 -27.32 18.23 -5.89
CA ARG A 581 -27.62 17.67 -7.20
C ARG A 581 -28.26 18.70 -8.11
N ARG A 582 -29.20 19.48 -7.57
CA ARG A 582 -29.86 20.54 -8.36
C ARG A 582 -28.84 21.54 -8.90
N ASP A 583 -27.87 21.96 -8.08
CA ASP A 583 -26.93 23.00 -8.48
C ASP A 583 -25.69 22.48 -9.23
N LEU A 584 -25.52 21.15 -9.35
CA LEU A 584 -24.34 20.64 -10.04
C LEU A 584 -24.24 21.11 -11.49
N PRO A 585 -25.29 21.05 -12.32
CA PRO A 585 -25.14 21.57 -13.68
C PRO A 585 -24.65 23.00 -13.75
N GLU A 586 -25.20 23.87 -12.91
CA GLU A 586 -24.71 25.24 -12.85
C GLU A 586 -23.28 25.30 -12.35
N LYS A 587 -22.95 24.52 -11.31
CA LYS A 587 -21.58 24.54 -10.79
C LYS A 587 -20.59 24.09 -11.84
N VAL A 588 -20.96 23.08 -12.64
CA VAL A 588 -20.11 22.63 -13.73
C VAL A 588 -19.83 23.77 -14.70
N ARG A 589 -20.87 24.47 -15.12
CA ARG A 589 -20.71 25.57 -16.06
C ARG A 589 -19.86 26.68 -15.47
N GLN A 590 -20.01 26.96 -14.18
CA GLN A 590 -19.23 28.01 -13.55
C GLN A 590 -17.77 27.62 -13.40
N LEU A 591 -17.48 26.32 -13.24
CA LEU A 591 -16.11 25.88 -13.05
C LEU A 591 -15.35 25.69 -14.35
N ARG A 592 -16.05 25.54 -15.47
CA ARG A 592 -15.39 25.34 -16.75
C ARG A 592 -14.63 26.60 -17.14
N GLU A 593 -13.60 26.42 -17.96
CA GLU A 593 -12.73 27.54 -18.38
C GLU A 593 -12.59 27.54 -19.90
N ASP A 594 -11.36 27.49 -20.39
CA ASP A 594 -11.07 27.67 -21.81
C ASP A 594 -10.95 26.36 -22.58
N GLY A 595 -11.14 25.21 -21.95
CA GLY A 595 -10.94 23.94 -22.64
C GLY A 595 -12.15 23.48 -23.42
N GLN A 596 -12.02 22.30 -24.02
CA GLN A 596 -13.13 21.61 -24.65
C GLN A 596 -13.71 20.62 -23.65
N TYR A 597 -15.01 20.73 -23.37
CA TYR A 597 -15.68 19.91 -22.38
C TYR A 597 -16.84 19.16 -23.03
N LYS A 598 -17.25 18.08 -22.38
CA LYS A 598 -18.44 17.34 -22.75
C LYS A 598 -19.34 17.24 -21.53
N ASP A 599 -20.64 17.19 -21.77
CA ASP A 599 -21.62 17.08 -20.69
C ASP A 599 -21.84 15.62 -20.34
N TRP A 600 -21.50 15.23 -19.11
CA TRP A 600 -21.69 13.88 -18.64
C TRP A 600 -22.88 13.72 -17.70
N LEU A 601 -23.36 14.82 -17.11
CA LEU A 601 -24.41 14.71 -16.10
C LEU A 601 -25.70 14.18 -16.69
N GLN A 602 -25.91 14.38 -17.99
CA GLN A 602 -27.10 13.86 -18.67
C GLN A 602 -27.10 12.34 -18.79
N LYS A 603 -25.97 11.66 -18.54
CA LYS A 603 -25.99 10.20 -18.51
C LYS A 603 -26.75 9.65 -17.31
N MET A 604 -27.15 10.52 -16.38
CA MET A 604 -27.86 10.18 -15.15
C MET A 604 -29.15 11.00 -15.05
N ALA A 605 -29.62 11.22 -13.81
CA ALA A 605 -30.83 12.00 -13.54
C ALA A 605 -30.74 13.41 -14.09
#